data_7LNT
#
_entry.id   7LNT
#
_cell.length_a   40.698
_cell.length_b   74.662
_cell.length_c   170.686
_cell.angle_alpha   90.000
_cell.angle_beta   90.000
_cell.angle_gamma   90.000
#
_symmetry.space_group_name_H-M   'P 21 21 21'
#
loop_
_entity.id
_entity.type
_entity.pdbx_description
1 polymer 'Isopentenyl phosphate kinase'
2 non-polymer GLYCEROL
3 non-polymer '(phenylmethyl) dihydrogen phosphate'
4 non-polymer "ADENOSINE-5'-DIPHOSPHATE"
5 water water
#
_entity_poly.entity_id   1
_entity_poly.type   'polypeptide(L)'
_entity_poly.pdbx_seq_one_letter_code
;MGSSHHHHHHSSGLVPRGSHMILIKLGGSVITDKSEYHKFNKETVSRLADEIRRSGQDVMVVHGAGSFGHVIAKKYAIQD
GHVDDGQIPAAARIMCDTRELSSMVVEELLAQGIPAVSVAPGSCFVMEDGKLIVDNEEPIRRLADLGIMPVMFGDVVPDR
KKGFAIVSGDQCMEVLCRMFDPEKVVFVSDIDGLYTADPKTDKKARLIGEVTRKKLDEALTDITVADVTGGVHSKMEAML
RMTDRNRRCYLVNGNAPNRLYSLLKGETVTCTVAKGGME
;
_entity_poly.pdbx_strand_id   A,B
#
# COMPACT_ATOMS: atom_id res chain seq x y z
N SER A 19 -8.95 -16.45 -19.44
CA SER A 19 -9.74 -16.89 -20.59
C SER A 19 -11.21 -16.53 -20.42
N HIS A 20 -11.71 -16.67 -19.20
CA HIS A 20 -13.10 -16.37 -18.87
C HIS A 20 -13.21 -15.33 -17.76
N MET A 21 -12.20 -14.47 -17.65
CA MET A 21 -12.18 -13.45 -16.61
C MET A 21 -13.10 -12.29 -16.97
N ILE A 22 -13.80 -11.76 -15.97
CA ILE A 22 -14.70 -10.63 -16.14
C ILE A 22 -14.12 -9.45 -15.38
N LEU A 23 -13.85 -8.35 -16.09
CA LEU A 23 -13.31 -7.14 -15.49
C LEU A 23 -14.46 -6.26 -15.04
N ILE A 24 -14.54 -6.00 -13.73
CA ILE A 24 -15.65 -5.28 -13.12
C ILE A 24 -15.12 -4.03 -12.45
N LYS A 25 -15.78 -2.89 -12.70
CA LYS A 25 -15.49 -1.65 -12.01
C LYS A 25 -16.66 -1.31 -11.11
N LEU A 26 -16.38 -1.12 -9.81
CA LEU A 26 -17.37 -0.65 -8.85
C LEU A 26 -17.18 0.86 -8.72
N GLY A 27 -18.00 1.62 -9.45
CA GLY A 27 -17.82 3.06 -9.50
C GLY A 27 -18.00 3.72 -8.15
N GLY A 28 -17.38 4.90 -8.02
CA GLY A 28 -17.50 5.67 -6.80
C GLY A 28 -18.91 6.16 -6.50
N SER A 29 -19.81 6.10 -7.47
CA SER A 29 -21.18 6.56 -7.26
C SER A 29 -21.99 5.58 -6.41
N VAL A 30 -21.64 4.29 -6.43
CA VAL A 30 -22.35 3.28 -5.66
C VAL A 30 -21.60 2.91 -4.38
N ILE A 31 -20.26 2.81 -4.45
CA ILE A 31 -19.50 2.42 -3.27
C ILE A 31 -19.32 3.57 -2.29
N THR A 32 -19.54 4.80 -2.72
CA THR A 32 -19.51 5.96 -1.84
C THR A 32 -20.73 6.84 -2.09
N ASP A 33 -21.02 7.70 -1.12
CA ASP A 33 -21.97 8.79 -1.30
C ASP A 33 -21.18 9.97 -1.86
N LYS A 34 -21.34 10.22 -3.17
CA LYS A 34 -20.51 11.21 -3.86
C LYS A 34 -20.68 12.61 -3.30
N SER A 35 -21.82 12.91 -2.67
CA SER A 35 -22.07 14.24 -2.13
C SER A 35 -21.63 14.38 -0.68
N GLU A 36 -21.14 13.32 -0.06
CA GLU A 36 -20.74 13.33 1.36
C GLU A 36 -19.31 12.83 1.47
N TYR A 37 -18.40 13.71 1.86
CA TYR A 37 -16.98 13.38 1.90
C TYR A 37 -16.70 12.19 2.82
N HIS A 38 -15.89 11.26 2.34
CA HIS A 38 -15.39 10.14 3.14
C HIS A 38 -16.53 9.26 3.68
N LYS A 39 -17.51 9.00 2.82
CA LYS A 39 -18.68 8.19 3.19
C LYS A 39 -18.66 6.90 2.38
N PHE A 40 -18.48 5.78 3.07
CA PHE A 40 -18.42 4.47 2.43
C PHE A 40 -19.78 3.78 2.54
N ASN A 41 -20.24 3.22 1.42
CA ASN A 41 -21.50 2.47 1.39
C ASN A 41 -21.19 1.00 1.66
N LYS A 42 -21.01 0.69 2.95
CA LYS A 42 -20.60 -0.64 3.34
C LYS A 42 -21.64 -1.69 2.95
N GLU A 43 -22.93 -1.38 3.14
CA GLU A 43 -23.97 -2.36 2.87
C GLU A 43 -24.08 -2.65 1.37
N THR A 44 -23.89 -1.62 0.54
CA THR A 44 -23.96 -1.82 -0.90
C THR A 44 -22.78 -2.63 -1.41
N VAL A 45 -21.58 -2.30 -0.94
CA VAL A 45 -20.38 -3.03 -1.36
C VAL A 45 -20.44 -4.47 -0.88
N SER A 46 -20.97 -4.69 0.33
CA SER A 46 -21.11 -6.04 0.85
C SER A 46 -22.03 -6.88 -0.03
N ARG A 47 -23.15 -6.31 -0.46
CA ARG A 47 -24.07 -7.04 -1.33
C ARG A 47 -23.44 -7.29 -2.70
N LEU A 48 -22.76 -6.29 -3.26
CA LEU A 48 -22.11 -6.47 -4.55
C LEU A 48 -21.02 -7.52 -4.48
N ALA A 49 -20.25 -7.53 -3.40
CA ALA A 49 -19.23 -8.57 -3.23
C ALA A 49 -19.88 -9.94 -3.09
N ASP A 50 -21.04 -10.01 -2.45
CA ASP A 50 -21.76 -11.29 -2.35
C ASP A 50 -22.26 -11.74 -3.71
N GLU A 51 -22.78 -10.80 -4.51
CA GLU A 51 -23.24 -11.15 -5.86
C GLU A 51 -22.08 -11.62 -6.73
N ILE A 52 -20.88 -11.07 -6.52
CA ILE A 52 -19.73 -11.54 -7.26
C ILE A 52 -19.37 -12.96 -6.85
N ARG A 53 -19.42 -13.25 -5.55
CA ARG A 53 -19.11 -14.60 -5.08
C ARG A 53 -20.17 -15.60 -5.53
N ARG A 54 -21.45 -15.23 -5.42
CA ARG A 54 -22.53 -16.14 -5.81
C ARG A 54 -22.52 -16.45 -7.30
N SER A 55 -21.93 -15.58 -8.11
CA SER A 55 -21.86 -15.84 -9.54
C SER A 55 -20.86 -16.94 -9.87
N GLY A 56 -19.90 -17.21 -8.98
CA GLY A 56 -18.93 -18.26 -9.22
C GLY A 56 -18.00 -18.00 -10.39
N GLN A 57 -17.90 -16.75 -10.85
CA GLN A 57 -17.09 -16.40 -12.00
C GLN A 57 -15.72 -15.90 -11.56
N ASP A 58 -14.74 -16.09 -12.43
CA ASP A 58 -13.41 -15.51 -12.23
C ASP A 58 -13.44 -14.05 -12.65
N VAL A 59 -13.11 -13.16 -11.72
CA VAL A 59 -13.27 -11.73 -11.95
C VAL A 59 -12.02 -10.99 -11.48
N MET A 60 -11.92 -9.73 -11.92
CA MET A 60 -10.91 -8.80 -11.45
C MET A 60 -11.61 -7.47 -11.19
N VAL A 61 -11.46 -6.94 -9.98
CA VAL A 61 -12.26 -5.83 -9.49
C VAL A 61 -11.43 -4.55 -9.51
N VAL A 62 -12.02 -3.48 -10.06
CA VAL A 62 -11.53 -2.12 -9.92
C VAL A 62 -12.65 -1.32 -9.26
N HIS A 63 -12.26 -0.28 -8.51
CA HIS A 63 -13.27 0.58 -7.92
C HIS A 63 -12.85 2.04 -8.08
N GLY A 64 -13.84 2.92 -8.09
CA GLY A 64 -13.59 4.34 -8.19
C GLY A 64 -13.22 4.95 -6.86
N ALA A 65 -13.03 6.27 -6.87
CA ALA A 65 -12.73 7.02 -5.66
C ALA A 65 -13.96 7.65 -5.03
N GLY A 66 -14.89 8.15 -5.84
CA GLY A 66 -16.09 8.76 -5.31
C GLY A 66 -15.77 9.96 -4.45
N SER A 67 -16.46 10.07 -3.31
CA SER A 67 -16.21 11.16 -2.38
C SER A 67 -14.91 11.00 -1.61
N PHE A 68 -14.20 9.90 -1.80
CA PHE A 68 -12.88 9.72 -1.21
C PHE A 68 -11.78 10.33 -2.06
N GLY A 69 -12.13 11.06 -3.11
CA GLY A 69 -11.15 11.69 -3.96
C GLY A 69 -11.65 12.95 -4.63
N HIS A 70 -12.91 12.94 -5.08
CA HIS A 70 -13.42 14.04 -5.89
C HIS A 70 -13.64 15.31 -5.07
N VAL A 71 -14.01 15.18 -3.79
CA VAL A 71 -14.35 16.35 -3.00
C VAL A 71 -13.12 17.21 -2.75
N ILE A 72 -12.02 16.59 -2.33
CA ILE A 72 -10.80 17.35 -2.06
C ILE A 72 -10.09 17.75 -3.35
N ALA A 73 -10.19 16.92 -4.39
CA ALA A 73 -9.53 17.26 -5.66
C ALA A 73 -10.11 18.53 -6.25
N LYS A 74 -11.43 18.67 -6.24
CA LYS A 74 -12.04 19.89 -6.76
C LYS A 74 -11.69 21.10 -5.90
N LYS A 75 -11.61 20.90 -4.58
CA LYS A 75 -11.31 22.01 -3.69
C LYS A 75 -9.92 22.58 -3.93
N TYR A 76 -8.97 21.75 -4.34
CA TYR A 76 -7.59 22.17 -4.56
C TYR A 76 -7.16 22.09 -6.02
N ALA A 77 -8.10 21.83 -6.93
CA ALA A 77 -7.84 21.82 -8.37
C ALA A 77 -6.71 20.84 -8.72
N ILE A 78 -6.78 19.64 -8.13
CA ILE A 78 -5.75 18.64 -8.35
C ILE A 78 -5.73 18.21 -9.82
N GLN A 79 -6.86 18.31 -10.51
CA GLN A 79 -6.92 17.97 -11.93
C GLN A 79 -6.07 18.90 -12.79
N ASP A 80 -5.65 20.04 -12.26
CA ASP A 80 -4.81 20.98 -13.01
C ASP A 80 -3.32 20.73 -12.83
N GLY A 81 -2.93 19.79 -11.97
CA GLY A 81 -1.54 19.53 -11.72
C GLY A 81 -0.98 20.34 -10.57
N HIS A 82 0.34 20.32 -10.47
CA HIS A 82 1.07 21.01 -9.41
C HIS A 82 1.31 22.45 -9.83
N VAL A 83 0.47 23.35 -9.35
CA VAL A 83 0.62 24.78 -9.63
C VAL A 83 1.03 25.58 -8.41
N ASP A 84 0.80 25.08 -7.20
CA ASP A 84 1.25 25.76 -5.98
C ASP A 84 1.52 24.72 -4.91
N ASP A 85 2.29 25.12 -3.90
CA ASP A 85 2.70 24.20 -2.86
C ASP A 85 1.57 23.82 -1.93
N GLY A 86 0.47 24.58 -1.92
CA GLY A 86 -0.67 24.23 -1.07
C GLY A 86 -1.36 22.95 -1.46
N GLN A 87 -1.16 22.47 -2.69
CA GLN A 87 -1.80 21.24 -3.14
C GLN A 87 -1.08 19.99 -2.65
N ILE A 88 0.18 20.11 -2.23
CA ILE A 88 0.94 18.91 -1.84
C ILE A 88 0.33 18.22 -0.62
N PRO A 89 -0.04 18.92 0.47
CA PRO A 89 -0.75 18.23 1.54
C PRO A 89 -2.12 17.72 1.13
N ALA A 90 -2.78 18.40 0.18
CA ALA A 90 -4.08 17.95 -0.30
C ALA A 90 -3.94 16.68 -1.13
N ALA A 91 -2.90 16.61 -1.96
CA ALA A 91 -2.65 15.39 -2.73
C ALA A 91 -2.37 14.22 -1.82
N ALA A 92 -1.55 14.43 -0.78
CA ALA A 92 -1.27 13.37 0.19
C ALA A 92 -2.54 12.99 0.95
N ARG A 93 -3.42 13.96 1.19
CA ARG A 93 -4.69 13.65 1.86
C ARG A 93 -5.58 12.78 0.99
N ILE A 94 -5.64 13.07 -0.32
CA ILE A 94 -6.45 12.27 -1.23
C ILE A 94 -5.88 10.86 -1.35
N MET A 95 -4.56 10.74 -1.46
CA MET A 95 -3.95 9.41 -1.57
C MET A 95 -4.26 8.55 -0.36
N CYS A 96 -4.26 9.16 0.83
CA CYS A 96 -4.64 8.41 2.03
C CYS A 96 -6.11 8.00 1.98
N ASP A 97 -6.97 8.89 1.50
CA ASP A 97 -8.40 8.59 1.45
C ASP A 97 -8.69 7.45 0.48
N THR A 98 -8.07 7.46 -0.69
CA THR A 98 -8.31 6.40 -1.66
C THR A 98 -7.75 5.06 -1.17
N ARG A 99 -6.62 5.09 -0.46
CA ARG A 99 -6.07 3.85 0.07
C ARG A 99 -6.92 3.31 1.22
N GLU A 100 -7.47 4.21 2.03
CA GLU A 100 -8.38 3.78 3.10
C GLU A 100 -9.68 3.24 2.52
N LEU A 101 -10.18 3.85 1.44
CA LEU A 101 -11.36 3.32 0.78
C LEU A 101 -11.10 1.95 0.18
N SER A 102 -9.92 1.77 -0.43
CA SER A 102 -9.59 0.48 -1.02
C SER A 102 -9.52 -0.63 0.03
N SER A 103 -9.02 -0.29 1.23
CA SER A 103 -9.02 -1.26 2.32
C SER A 103 -10.43 -1.66 2.71
N MET A 104 -11.36 -0.69 2.73
CA MET A 104 -12.75 -0.99 3.04
C MET A 104 -13.35 -1.92 1.99
N VAL A 105 -13.00 -1.71 0.73
CA VAL A 105 -13.52 -2.58 -0.33
C VAL A 105 -12.90 -3.97 -0.24
N VAL A 106 -11.59 -4.04 0.01
CA VAL A 106 -10.92 -5.33 0.13
C VAL A 106 -11.46 -6.09 1.33
N GLU A 107 -11.78 -5.38 2.41
CA GLU A 107 -12.34 -6.03 3.60
C GLU A 107 -13.64 -6.75 3.27
N GLU A 108 -14.48 -6.14 2.44
CA GLU A 108 -15.72 -6.81 2.02
C GLU A 108 -15.43 -7.97 1.08
N LEU A 109 -14.40 -7.85 0.23
CA LEU A 109 -14.05 -8.95 -0.67
C LEU A 109 -13.51 -10.14 0.10
N LEU A 110 -12.65 -9.89 1.10
CA LEU A 110 -12.10 -10.98 1.90
C LEU A 110 -13.19 -11.68 2.70
N ALA A 111 -14.19 -10.94 3.15
CA ALA A 111 -15.28 -11.55 3.92
C ALA A 111 -16.11 -12.49 3.06
N GLN A 112 -16.16 -12.27 1.74
CA GLN A 112 -16.89 -13.12 0.82
C GLN A 112 -16.02 -14.22 0.23
N GLY A 113 -14.86 -14.49 0.83
CA GLY A 113 -13.98 -15.53 0.32
C GLY A 113 -13.31 -15.20 -0.99
N ILE A 114 -13.08 -13.93 -1.27
CA ILE A 114 -12.42 -13.48 -2.49
C ILE A 114 -11.11 -12.82 -2.09
N PRO A 115 -10.00 -13.55 -2.14
CA PRO A 115 -8.70 -12.95 -1.79
C PRO A 115 -8.34 -11.84 -2.77
N ALA A 116 -7.92 -10.70 -2.21
CA ALA A 116 -7.60 -9.53 -3.01
C ALA A 116 -6.69 -8.62 -2.21
N VAL A 117 -6.05 -7.69 -2.91
CA VAL A 117 -5.15 -6.73 -2.29
C VAL A 117 -5.22 -5.43 -3.07
N SER A 118 -5.14 -4.32 -2.34
CA SER A 118 -5.16 -3.00 -2.97
C SER A 118 -3.83 -2.73 -3.66
N VAL A 119 -3.91 -2.24 -4.89
CA VAL A 119 -2.74 -1.83 -5.67
C VAL A 119 -2.96 -0.36 -6.03
N ALA A 120 -2.41 0.54 -5.22
CA ALA A 120 -2.61 1.96 -5.45
C ALA A 120 -1.79 2.42 -6.65
N PRO A 121 -2.41 2.97 -7.69
CA PRO A 121 -1.62 3.42 -8.86
C PRO A 121 -0.64 4.53 -8.52
N GLY A 122 -0.95 5.39 -7.56
CA GLY A 122 -0.04 6.47 -7.20
C GLY A 122 1.23 6.01 -6.52
N SER A 123 1.27 4.77 -6.04
CA SER A 123 2.43 4.25 -5.32
C SER A 123 3.35 3.41 -6.20
N CYS A 124 2.92 3.04 -7.41
CA CYS A 124 3.76 2.18 -8.26
C CYS A 124 3.73 2.54 -9.73
N PHE A 125 2.87 3.44 -10.19
CA PHE A 125 2.81 3.84 -11.59
C PHE A 125 3.02 5.34 -11.71
N VAL A 126 3.10 5.80 -12.96
CA VAL A 126 3.22 7.21 -13.28
C VAL A 126 2.21 7.55 -14.36
N MET A 127 2.14 8.83 -14.72
CA MET A 127 1.21 9.29 -15.74
C MET A 127 1.92 10.28 -16.66
N GLU A 128 1.51 10.28 -17.93
CA GLU A 128 2.07 11.19 -18.92
C GLU A 128 1.01 11.45 -19.98
N ASP A 129 0.70 12.73 -20.20
CA ASP A 129 -0.30 13.15 -21.19
C ASP A 129 -1.65 12.47 -20.94
N GLY A 130 -2.06 12.44 -19.68
CA GLY A 130 -3.33 11.86 -19.32
C GLY A 130 -3.43 10.36 -19.50
N LYS A 131 -2.30 9.66 -19.52
CA LYS A 131 -2.28 8.22 -19.70
C LYS A 131 -1.46 7.58 -18.59
N LEU A 132 -2.00 6.49 -18.03
CA LEU A 132 -1.33 5.76 -16.96
C LEU A 132 -0.26 4.87 -17.58
N ILE A 133 0.98 5.02 -17.11
CA ILE A 133 2.12 4.30 -17.64
C ILE A 133 2.47 3.17 -16.69
N VAL A 134 2.43 1.94 -17.20
CA VAL A 134 2.78 0.75 -16.43
C VAL A 134 4.05 0.19 -17.05
N ASP A 135 5.21 0.56 -16.49
CA ASP A 135 6.48 0.13 -17.05
C ASP A 135 6.87 -1.27 -16.60
N ASN A 136 6.47 -1.68 -15.40
CA ASN A 136 6.76 -3.01 -14.89
C ASN A 136 5.44 -3.70 -14.58
N GLU A 137 5.07 -4.67 -15.42
CA GLU A 137 3.84 -5.43 -15.25
C GLU A 137 4.01 -6.66 -14.37
N GLU A 138 5.22 -6.99 -13.96
CA GLU A 138 5.46 -8.25 -13.26
C GLU A 138 4.72 -8.35 -11.93
N PRO A 139 4.80 -7.37 -11.02
CA PRO A 139 4.15 -7.57 -9.70
C PRO A 139 2.65 -7.81 -9.78
N ILE A 140 1.93 -7.00 -10.54
CA ILE A 140 0.48 -7.19 -10.68
C ILE A 140 0.17 -8.54 -11.32
N ARG A 141 1.00 -8.99 -12.27
CA ARG A 141 0.72 -10.25 -12.93
C ARG A 141 0.99 -11.43 -12.00
N ARG A 142 2.02 -11.34 -11.17
CA ARG A 142 2.29 -12.39 -10.20
C ARG A 142 1.20 -12.46 -9.13
N LEU A 143 0.61 -11.31 -8.78
CA LEU A 143 -0.49 -11.31 -7.83
C LEU A 143 -1.70 -12.05 -8.39
N ALA A 144 -2.01 -11.82 -9.67
CA ALA A 144 -3.12 -12.52 -10.29
C ALA A 144 -2.83 -14.02 -10.39
N ASP A 145 -1.57 -14.40 -10.62
CA ASP A 145 -1.22 -15.81 -10.67
C ASP A 145 -1.37 -16.47 -9.31
N LEU A 146 -1.05 -15.73 -8.24
CA LEU A 146 -1.14 -16.27 -6.89
C LEU A 146 -2.58 -16.50 -6.45
N GLY A 147 -3.55 -15.93 -7.15
CA GLY A 147 -4.93 -15.96 -6.71
C GLY A 147 -5.33 -14.81 -5.82
N ILE A 148 -4.43 -13.87 -5.56
CA ILE A 148 -4.72 -12.68 -4.79
C ILE A 148 -5.03 -11.57 -5.79
N MET A 149 -6.32 -11.30 -5.97
CA MET A 149 -6.78 -10.40 -7.02
C MET A 149 -6.24 -8.99 -6.82
N PRO A 150 -5.44 -8.46 -7.74
CA PRO A 150 -4.95 -7.08 -7.61
C PRO A 150 -6.08 -6.10 -7.88
N VAL A 151 -6.24 -5.13 -6.99
CA VAL A 151 -7.34 -4.17 -7.06
C VAL A 151 -6.74 -2.78 -7.22
N MET A 152 -6.81 -2.24 -8.43
CA MET A 152 -6.45 -0.84 -8.66
C MET A 152 -7.67 0.04 -8.49
N PHE A 153 -7.44 1.35 -8.43
CA PHE A 153 -8.52 2.29 -8.14
C PHE A 153 -8.11 3.70 -8.53
N GLY A 154 -9.11 4.57 -8.62
CA GLY A 154 -8.82 5.97 -8.88
C GLY A 154 -7.95 6.57 -7.81
N ASP A 155 -6.97 7.37 -8.22
CA ASP A 155 -5.92 7.82 -7.32
C ASP A 155 -5.23 9.03 -7.93
N VAL A 156 -4.44 9.70 -7.10
CA VAL A 156 -3.51 10.73 -7.56
C VAL A 156 -2.18 10.07 -7.85
N VAL A 157 -1.64 10.31 -9.04
CA VAL A 157 -0.45 9.61 -9.51
C VAL A 157 0.63 10.63 -9.87
N PRO A 158 1.90 10.35 -9.60
CA PRO A 158 2.97 11.24 -10.09
C PRO A 158 2.90 11.38 -11.61
N ASP A 159 2.89 12.62 -12.08
CA ASP A 159 2.84 12.91 -13.51
C ASP A 159 4.21 13.34 -13.99
N ARG A 160 4.55 12.93 -15.21
CA ARG A 160 5.89 13.19 -15.74
C ARG A 160 6.07 14.64 -16.18
N LYS A 161 4.99 15.41 -16.33
CA LYS A 161 5.10 16.79 -16.78
C LYS A 161 4.39 17.75 -15.83
N LYS A 162 3.31 17.30 -15.19
CA LYS A 162 2.50 18.15 -14.33
C LYS A 162 2.77 17.92 -12.85
N GLY A 163 3.78 17.12 -12.51
CA GLY A 163 4.04 16.80 -11.12
C GLY A 163 3.18 15.66 -10.62
N PHE A 164 1.87 15.90 -10.57
CA PHE A 164 0.91 14.85 -10.27
C PHE A 164 -0.30 14.99 -11.18
N ALA A 165 -1.03 13.89 -11.34
CA ALA A 165 -2.25 13.86 -12.12
C ALA A 165 -3.23 12.90 -11.45
N ILE A 166 -4.46 12.91 -11.94
CA ILE A 166 -5.52 12.05 -11.44
C ILE A 166 -5.76 10.95 -12.44
N VAL A 167 -5.64 9.70 -12.00
CA VAL A 167 -6.07 8.55 -12.80
C VAL A 167 -7.46 8.15 -12.34
N SER A 168 -8.34 7.88 -13.29
CA SER A 168 -9.70 7.49 -12.97
C SER A 168 -9.80 5.98 -12.89
N GLY A 169 -10.84 5.51 -12.20
CA GLY A 169 -11.12 4.08 -12.21
C GLY A 169 -11.43 3.56 -13.59
N ASP A 170 -11.90 4.44 -14.48
CA ASP A 170 -12.24 4.02 -15.84
C ASP A 170 -10.99 3.66 -16.63
N GLN A 171 -9.92 4.46 -16.51
CA GLN A 171 -8.72 4.16 -17.29
C GLN A 171 -7.97 2.96 -16.72
N CYS A 172 -8.06 2.74 -15.40
CA CYS A 172 -7.52 1.50 -14.84
C CYS A 172 -8.17 0.29 -15.49
N MET A 173 -9.46 0.39 -15.81
CA MET A 173 -10.12 -0.66 -16.58
C MET A 173 -9.46 -0.83 -17.94
N GLU A 174 -9.19 0.29 -18.63
CA GLU A 174 -8.58 0.23 -19.95
C GLU A 174 -7.19 -0.40 -19.88
N VAL A 175 -6.39 -0.03 -18.88
CA VAL A 175 -5.05 -0.61 -18.74
C VAL A 175 -5.15 -2.10 -18.46
N LEU A 176 -6.04 -2.48 -17.54
CA LEU A 176 -6.18 -3.89 -17.19
C LEU A 176 -6.81 -4.69 -18.31
N CYS A 177 -7.72 -4.08 -19.09
CA CYS A 177 -8.32 -4.79 -20.21
C CYS A 177 -7.27 -5.13 -21.27
N ARG A 178 -6.37 -4.19 -21.55
CA ARG A 178 -5.30 -4.46 -22.50
C ARG A 178 -4.29 -5.44 -21.94
N MET A 179 -4.13 -5.46 -20.61
CA MET A 179 -3.10 -6.29 -19.99
C MET A 179 -3.53 -7.75 -19.90
N PHE A 180 -4.77 -8.01 -19.50
CA PHE A 180 -5.22 -9.36 -19.18
C PHE A 180 -6.21 -9.93 -20.18
N ASP A 181 -6.74 -9.12 -21.10
CA ASP A 181 -7.66 -9.58 -22.14
C ASP A 181 -8.85 -10.32 -21.54
N PRO A 182 -9.74 -9.62 -20.83
CA PRO A 182 -10.87 -10.29 -20.18
C PRO A 182 -11.94 -10.67 -21.19
N GLU A 183 -12.88 -11.50 -20.74
CA GLU A 183 -13.84 -12.05 -21.69
C GLU A 183 -14.94 -11.02 -21.89
N LYS A 184 -15.16 -10.22 -20.85
CA LYS A 184 -16.32 -9.38 -20.63
C LYS A 184 -15.95 -8.28 -19.66
N VAL A 185 -16.45 -7.07 -19.92
CA VAL A 185 -16.20 -5.90 -19.08
C VAL A 185 -17.53 -5.41 -18.55
N VAL A 186 -17.58 -5.14 -17.24
CA VAL A 186 -18.80 -4.69 -16.58
C VAL A 186 -18.49 -3.42 -15.80
N PHE A 187 -19.28 -2.38 -16.02
CA PHE A 187 -19.20 -1.13 -15.28
C PHE A 187 -20.40 -1.03 -14.35
N VAL A 188 -20.15 -0.95 -13.06
CA VAL A 188 -21.19 -0.87 -12.05
C VAL A 188 -21.33 0.58 -11.61
N SER A 189 -22.49 1.18 -11.87
CA SER A 189 -22.76 2.57 -11.54
C SER A 189 -24.12 2.65 -10.85
N ASP A 190 -24.54 3.88 -10.53
CA ASP A 190 -25.81 4.14 -9.87
C ASP A 190 -26.92 4.46 -10.86
N ILE A 191 -26.80 4.02 -12.10
CA ILE A 191 -27.78 4.29 -13.15
C ILE A 191 -28.07 3.01 -13.89
N ASP A 192 -29.31 2.87 -14.37
CA ASP A 192 -29.70 1.70 -15.14
C ASP A 192 -28.86 1.54 -16.40
N GLY A 193 -28.30 2.63 -16.92
CA GLY A 193 -27.44 2.55 -18.08
C GLY A 193 -27.19 3.93 -18.63
N LEU A 194 -26.86 3.98 -19.92
CA LEU A 194 -26.64 5.25 -20.59
C LEU A 194 -27.98 5.83 -21.05
N TYR A 195 -28.17 7.11 -20.77
CA TYR A 195 -29.39 7.82 -21.16
C TYR A 195 -29.06 8.90 -22.18
N THR A 196 -30.10 9.43 -22.81
CA THR A 196 -29.94 10.54 -23.74
C THR A 196 -29.54 11.82 -23.02
N ALA A 197 -29.73 11.88 -21.70
CA ALA A 197 -29.33 13.02 -20.89
C ALA A 197 -29.19 12.55 -19.45
N ASP A 198 -28.78 13.46 -18.58
CA ASP A 198 -28.63 13.14 -17.17
C ASP A 198 -29.98 12.77 -16.57
N PRO A 199 -30.16 11.54 -16.09
CA PRO A 199 -31.47 11.17 -15.51
C PRO A 199 -31.78 11.91 -14.23
N LYS A 200 -30.75 12.35 -13.49
CA LYS A 200 -30.96 13.14 -12.29
C LYS A 200 -31.31 14.60 -12.60
N THR A 201 -31.00 15.06 -13.80
CA THR A 201 -31.37 16.40 -14.26
C THR A 201 -32.51 16.39 -15.25
N ASP A 202 -32.52 15.47 -16.20
CA ASP A 202 -33.54 15.36 -17.23
C ASP A 202 -34.36 14.10 -16.97
N LYS A 203 -35.56 14.28 -16.40
CA LYS A 203 -36.47 13.16 -16.15
C LYS A 203 -37.15 12.67 -17.43
N LYS A 204 -36.92 13.34 -18.56
CA LYS A 204 -37.45 12.90 -19.84
C LYS A 204 -36.49 11.97 -20.59
N ALA A 205 -35.21 11.97 -20.22
CA ALA A 205 -34.17 11.26 -20.98
C ALA A 205 -34.50 9.77 -21.05
N ARG A 206 -34.22 9.11 -22.18
CA ARG A 206 -34.75 7.76 -22.17
C ARG A 206 -33.52 6.83 -22.25
N LEU A 207 -33.69 5.56 -21.87
CA LEU A 207 -32.55 4.66 -21.76
C LEU A 207 -32.03 4.17 -23.12
N ILE A 208 -30.72 4.00 -23.22
CA ILE A 208 -30.05 3.54 -24.45
C ILE A 208 -29.55 2.12 -24.21
N GLY A 209 -30.17 1.15 -24.87
CA GLY A 209 -29.82 -0.25 -24.61
C GLY A 209 -28.49 -0.64 -25.20
N GLU A 210 -28.30 -0.40 -26.49
CA GLU A 210 -27.09 -0.80 -27.19
C GLU A 210 -26.32 0.43 -27.67
N VAL A 211 -24.99 0.32 -27.66
CA VAL A 211 -24.10 1.39 -28.09
C VAL A 211 -23.13 0.82 -29.12
N THR A 212 -23.20 1.34 -30.35
CA THR A 212 -22.26 0.98 -31.40
C THR A 212 -21.80 2.17 -32.24
N ARG A 213 -22.45 3.32 -32.14
CA ARG A 213 -22.06 4.48 -32.94
C ARG A 213 -22.09 5.76 -32.09
N LYS A 235 -17.40 10.12 -21.34
CA LYS A 235 -18.58 9.72 -20.59
C LYS A 235 -18.98 8.28 -20.93
N MET A 236 -18.61 7.86 -22.13
CA MET A 236 -19.21 6.67 -22.73
C MET A 236 -18.29 6.06 -23.77
N GLU A 237 -17.31 6.84 -24.24
CA GLU A 237 -16.48 6.43 -25.37
C GLU A 237 -15.53 5.30 -25.02
N ALA A 238 -15.22 5.10 -23.73
CA ALA A 238 -14.32 4.02 -23.34
C ALA A 238 -14.95 2.65 -23.48
N MET A 239 -16.29 2.56 -23.43
CA MET A 239 -16.95 1.27 -23.56
C MET A 239 -16.69 0.66 -24.92
N LEU A 240 -16.62 1.48 -25.97
CA LEU A 240 -16.36 0.99 -27.31
C LEU A 240 -14.88 0.69 -27.56
N ARG A 241 -13.99 1.22 -26.73
CA ARG A 241 -12.56 0.99 -26.92
C ARG A 241 -12.09 -0.32 -26.34
N MET A 242 -12.89 -0.98 -25.49
CA MET A 242 -12.54 -2.26 -24.90
C MET A 242 -13.50 -3.36 -25.33
N THR A 243 -14.06 -3.24 -26.53
CA THR A 243 -14.95 -4.27 -27.07
C THR A 243 -14.29 -4.93 -28.28
N ASP A 244 -14.63 -6.21 -28.48
CA ASP A 244 -14.06 -6.99 -29.57
C ASP A 244 -15.18 -7.63 -30.39
N ARG A 245 -14.80 -8.54 -31.29
CA ARG A 245 -15.80 -9.32 -32.02
C ARG A 245 -16.51 -10.33 -31.14
N ASN A 246 -16.01 -10.56 -29.91
CA ASN A 246 -16.63 -11.50 -28.99
C ASN A 246 -16.83 -10.86 -27.62
N ARG A 247 -15.98 -9.90 -27.28
CA ARG A 247 -16.02 -9.27 -25.96
C ARG A 247 -16.97 -8.08 -25.98
N ARG A 248 -17.84 -8.01 -24.97
CA ARG A 248 -18.81 -6.93 -24.83
C ARG A 248 -18.58 -6.20 -23.52
N CYS A 249 -18.92 -4.91 -23.52
CA CYS A 249 -18.82 -4.07 -22.34
C CYS A 249 -20.21 -3.66 -21.87
N TYR A 250 -20.44 -3.74 -20.56
CA TYR A 250 -21.74 -3.49 -19.98
C TYR A 250 -21.65 -2.37 -18.95
N LEU A 251 -22.75 -1.62 -18.83
CA LEU A 251 -22.93 -0.63 -17.77
C LEU A 251 -24.22 -0.97 -17.04
N VAL A 252 -24.09 -1.37 -15.76
CA VAL A 252 -25.21 -1.91 -15.01
C VAL A 252 -25.39 -1.10 -13.72
N ASN A 253 -26.62 -1.09 -13.22
CA ASN A 253 -26.97 -0.38 -11.99
C ASN A 253 -26.63 -1.25 -10.79
N GLY A 254 -25.65 -0.81 -10.00
CA GLY A 254 -25.27 -1.56 -8.81
C GLY A 254 -26.21 -1.41 -7.64
N ASN A 255 -27.08 -0.40 -7.66
CA ASN A 255 -28.06 -0.22 -6.60
C ASN A 255 -29.27 -1.12 -6.77
N ALA A 256 -29.43 -1.76 -7.92
CA ALA A 256 -30.51 -2.72 -8.12
C ALA A 256 -30.04 -4.09 -7.63
N PRO A 257 -30.63 -4.63 -6.56
CA PRO A 257 -30.14 -5.90 -6.02
C PRO A 257 -30.27 -7.04 -7.03
N ASN A 258 -29.25 -7.90 -7.05
CA ASN A 258 -29.14 -9.10 -7.88
C ASN A 258 -28.98 -8.81 -9.36
N ARG A 259 -28.93 -7.54 -9.77
CA ARG A 259 -28.77 -7.25 -11.20
C ARG A 259 -27.35 -7.55 -11.66
N LEU A 260 -26.35 -7.22 -10.84
CA LEU A 260 -24.97 -7.56 -11.19
C LEU A 260 -24.78 -9.08 -11.20
N TYR A 261 -25.36 -9.78 -10.22
CA TYR A 261 -25.26 -11.23 -10.17
C TYR A 261 -25.84 -11.86 -11.43
N SER A 262 -27.04 -11.42 -11.84
CA SER A 262 -27.66 -12.00 -13.02
C SER A 262 -26.85 -11.69 -14.28
N LEU A 263 -26.27 -10.49 -14.36
CA LEU A 263 -25.39 -10.17 -15.48
C LEU A 263 -24.17 -11.08 -15.51
N LEU A 264 -23.57 -11.35 -14.34
CA LEU A 264 -22.40 -12.21 -14.28
C LEU A 264 -22.75 -13.65 -14.61
N LYS A 265 -24.00 -14.05 -14.38
CA LYS A 265 -24.45 -15.41 -14.68
C LYS A 265 -24.85 -15.60 -16.13
N GLY A 266 -24.73 -14.56 -16.96
CA GLY A 266 -25.07 -14.67 -18.37
C GLY A 266 -26.48 -14.26 -18.73
N GLU A 267 -27.32 -13.97 -17.75
CA GLU A 267 -28.69 -13.55 -18.03
C GLU A 267 -28.72 -12.11 -18.50
N THR A 268 -29.67 -11.82 -19.38
CA THR A 268 -29.85 -10.45 -19.88
C THR A 268 -30.63 -9.63 -18.85
N VAL A 269 -30.11 -8.44 -18.54
CA VAL A 269 -30.70 -7.56 -17.55
C VAL A 269 -30.83 -6.17 -18.15
N THR A 270 -31.49 -5.29 -17.40
CA THR A 270 -31.56 -3.88 -17.78
C THR A 270 -30.17 -3.27 -17.64
N CYS A 271 -29.62 -2.80 -18.76
CA CYS A 271 -28.25 -2.29 -18.79
C CYS A 271 -28.03 -1.59 -20.13
N THR A 272 -26.80 -1.12 -20.32
CA THR A 272 -26.34 -0.61 -21.61
C THR A 272 -25.14 -1.44 -22.04
N VAL A 273 -25.21 -2.02 -23.23
CA VAL A 273 -24.18 -2.90 -23.74
C VAL A 273 -23.52 -2.25 -24.96
N ALA A 274 -22.22 -2.48 -25.10
CA ALA A 274 -21.45 -2.00 -26.23
C ALA A 274 -20.92 -3.18 -27.02
N LYS A 275 -20.86 -3.04 -28.35
CA LYS A 275 -20.42 -4.09 -29.24
C LYS A 275 -19.61 -3.49 -30.38
N GLY A 276 -19.02 -4.37 -31.17
CA GLY A 276 -18.26 -3.95 -32.34
C GLY A 276 -16.79 -3.71 -31.99
N GLY A 277 -16.30 -2.53 -32.35
CA GLY A 277 -14.92 -2.18 -32.08
C GLY A 277 -14.75 -0.75 -31.59
N SER B 19 21.90 16.58 0.99
CA SER B 19 22.08 15.23 1.52
C SER B 19 22.02 15.22 3.04
N HIS B 20 20.95 15.78 3.59
CA HIS B 20 20.74 15.85 5.03
C HIS B 20 19.56 15.01 5.48
N MET B 21 19.12 14.06 4.66
CA MET B 21 17.96 13.25 4.96
C MET B 21 18.30 12.18 5.99
N ILE B 22 17.34 11.88 6.86
CA ILE B 22 17.50 10.89 7.92
C ILE B 22 16.49 9.78 7.70
N LEU B 23 16.99 8.55 7.53
CA LEU B 23 16.14 7.38 7.33
C LEU B 23 15.74 6.82 8.69
N ILE B 24 14.44 6.73 8.94
CA ILE B 24 13.90 6.32 10.24
C ILE B 24 13.06 5.07 10.05
N LYS B 25 13.29 4.07 10.90
CA LYS B 25 12.49 2.86 10.93
C LYS B 25 11.66 2.85 12.20
N LEU B 26 10.34 2.93 12.05
CA LEU B 26 9.42 2.82 13.19
C LEU B 26 9.04 1.36 13.33
N GLY B 27 9.77 0.65 14.19
CA GLY B 27 9.57 -0.78 14.33
C GLY B 27 8.18 -1.12 14.82
N GLY B 28 7.72 -2.32 14.46
CA GLY B 28 6.41 -2.80 14.88
C GLY B 28 6.27 -3.00 16.37
N SER B 29 7.37 -3.02 17.12
CA SER B 29 7.29 -3.22 18.56
C SER B 29 6.71 -2.00 19.27
N VAL B 30 6.82 -0.81 18.68
CA VAL B 30 6.32 0.40 19.32
C VAL B 30 5.06 0.90 18.65
N ILE B 31 4.95 0.72 17.33
CA ILE B 31 3.78 1.25 16.63
C ILE B 31 2.56 0.35 16.78
N THR B 32 2.75 -0.92 17.12
CA THR B 32 1.65 -1.85 17.34
C THR B 32 1.81 -2.53 18.69
N ASP B 33 0.69 -2.84 19.32
CA ASP B 33 0.69 -3.71 20.49
C ASP B 33 0.79 -5.14 20.00
N LYS B 34 1.87 -5.80 20.34
CA LYS B 34 2.18 -7.12 19.82
C LYS B 34 1.62 -8.28 20.66
N SER B 35 1.10 -8.01 21.85
CA SER B 35 0.34 -9.02 22.57
C SER B 35 -1.11 -9.07 22.12
N GLU B 36 -1.47 -8.33 21.08
CA GLU B 36 -2.86 -8.25 20.61
C GLU B 36 -2.85 -8.04 19.11
N TYR B 37 -3.44 -8.99 18.38
CA TYR B 37 -3.46 -8.90 16.93
C TYR B 37 -4.24 -7.67 16.46
N HIS B 38 -3.70 -6.99 15.45
CA HIS B 38 -4.37 -5.87 14.80
C HIS B 38 -4.63 -4.72 15.78
N LYS B 39 -3.69 -4.47 16.67
CA LYS B 39 -3.80 -3.42 17.68
C LYS B 39 -2.79 -2.33 17.41
N PHE B 40 -3.27 -1.10 17.26
CA PHE B 40 -2.45 0.05 16.94
C PHE B 40 -2.10 0.84 18.20
N ASN B 41 -0.87 1.32 18.27
CA ASN B 41 -0.43 2.22 19.33
C ASN B 41 -0.49 3.65 18.81
N LYS B 42 -1.72 4.13 18.63
CA LYS B 42 -1.98 5.41 17.98
C LYS B 42 -1.19 6.55 18.58
N GLU B 43 -0.65 6.38 19.77
CA GLU B 43 -0.30 7.53 20.59
C GLU B 43 1.14 7.54 21.02
N THR B 44 1.77 6.37 21.06
CA THR B 44 3.20 6.31 20.77
C THR B 44 3.49 6.88 19.39
N VAL B 45 2.73 6.45 18.38
CA VAL B 45 2.93 6.91 17.01
C VAL B 45 2.62 8.39 16.89
N SER B 46 1.56 8.86 17.55
CA SER B 46 1.23 10.28 17.54
C SER B 46 2.37 11.10 18.13
N ARG B 47 2.89 10.66 19.28
CA ARG B 47 4.01 11.36 19.89
C ARG B 47 5.26 11.27 19.02
N LEU B 48 5.49 10.12 18.40
CA LEU B 48 6.66 9.96 17.54
C LEU B 48 6.56 10.86 16.31
N ALA B 49 5.37 10.99 15.73
CA ALA B 49 5.19 11.91 14.62
C ALA B 49 5.38 13.36 15.05
N ASP B 50 4.92 13.69 16.26
CA ASP B 50 5.13 15.04 16.79
C ASP B 50 6.62 15.30 17.03
N GLU B 51 7.33 14.31 17.56
CA GLU B 51 8.78 14.47 17.78
C GLU B 51 9.53 14.62 16.46
N ILE B 52 9.08 13.94 15.41
CA ILE B 52 9.72 14.07 14.10
C ILE B 52 9.51 15.48 13.55
N ARG B 53 8.28 16.01 13.69
CA ARG B 53 8.01 17.35 13.18
C ARG B 53 8.78 18.41 13.96
N ARG B 54 8.84 18.27 15.29
CA ARG B 54 9.52 19.26 16.12
C ARG B 54 11.02 19.32 15.85
N SER B 55 11.61 18.23 15.34
CA SER B 55 13.03 18.24 15.04
C SER B 55 13.37 19.08 13.83
N GLY B 56 12.42 19.30 12.93
CA GLY B 56 12.68 20.08 11.73
C GLY B 56 13.62 19.44 10.74
N GLN B 57 13.92 18.15 10.91
CA GLN B 57 14.84 17.45 10.01
C GLN B 57 14.10 16.87 8.82
N ASP B 58 14.80 16.76 7.70
CA ASP B 58 14.29 16.07 6.53
C ASP B 58 14.41 14.57 6.76
N VAL B 59 13.26 13.88 6.85
CA VAL B 59 13.22 12.49 7.25
C VAL B 59 12.47 11.68 6.19
N MET B 60 12.60 10.36 6.31
CA MET B 60 11.87 9.41 5.47
C MET B 60 11.58 8.20 6.33
N VAL B 61 10.30 7.84 6.45
CA VAL B 61 9.83 6.90 7.46
C VAL B 61 9.55 5.55 6.81
N VAL B 62 10.07 4.49 7.42
CA VAL B 62 9.66 3.12 7.18
C VAL B 62 9.13 2.56 8.49
N HIS B 63 8.08 1.76 8.44
CA HIS B 63 7.54 1.16 9.64
C HIS B 63 7.40 -0.35 9.44
N GLY B 64 7.38 -1.07 10.57
CA GLY B 64 7.23 -2.51 10.55
C GLY B 64 5.77 -2.93 10.53
N ALA B 65 5.58 -4.25 10.49
CA ALA B 65 4.24 -4.82 10.51
C ALA B 65 3.76 -5.12 11.92
N GLY B 66 4.65 -5.64 12.77
CA GLY B 66 4.28 -5.94 14.15
C GLY B 66 3.17 -6.98 14.20
N SER B 67 2.19 -6.74 15.08
CA SER B 67 1.05 -7.64 15.21
C SER B 67 0.12 -7.58 14.00
N PHE B 68 0.32 -6.62 13.10
CA PHE B 68 -0.48 -6.53 11.88
C PHE B 68 0.05 -7.44 10.77
N GLY B 69 1.00 -8.31 11.07
CA GLY B 69 1.51 -9.24 10.09
C GLY B 69 2.11 -10.49 10.69
N HIS B 70 2.72 -10.36 11.87
CA HIS B 70 3.42 -11.49 12.48
C HIS B 70 2.44 -12.56 12.95
N VAL B 71 1.29 -12.15 13.50
CA VAL B 71 0.37 -13.11 14.11
C VAL B 71 -0.15 -14.10 13.08
N ILE B 72 -0.54 -13.63 11.91
CA ILE B 72 -1.07 -14.53 10.88
C ILE B 72 0.06 -15.27 10.18
N ALA B 73 1.21 -14.61 9.99
CA ALA B 73 2.34 -15.27 9.34
C ALA B 73 2.86 -16.45 10.15
N LYS B 74 2.88 -16.31 11.49
CA LYS B 74 3.27 -17.43 12.35
C LYS B 74 2.22 -18.54 12.41
N LYS B 75 0.95 -18.25 12.17
CA LYS B 75 -0.04 -19.32 12.21
C LYS B 75 -0.09 -20.10 10.90
N TYR B 76 0.16 -19.45 9.77
CA TYR B 76 0.03 -20.07 8.47
C TYR B 76 1.37 -20.33 7.79
N ALA B 77 2.48 -20.09 8.50
CA ALA B 77 3.83 -20.34 7.97
C ALA B 77 4.05 -19.61 6.65
N ILE B 78 3.70 -18.31 6.65
CA ILE B 78 3.84 -17.51 5.43
C ILE B 78 5.31 -17.34 5.05
N GLN B 79 6.20 -17.37 6.05
CA GLN B 79 7.63 -17.21 5.76
C GLN B 79 8.22 -18.38 4.99
N ASP B 80 7.52 -19.50 4.93
CA ASP B 80 8.00 -20.69 4.22
C ASP B 80 7.55 -20.72 2.77
N GLY B 81 6.78 -19.74 2.32
CA GLY B 81 6.32 -19.69 0.95
C GLY B 81 4.98 -20.37 0.75
N HIS B 82 4.56 -20.41 -0.51
CA HIS B 82 3.27 -20.98 -0.90
C HIS B 82 3.40 -22.48 -0.96
N VAL B 83 2.95 -23.17 0.09
CA VAL B 83 2.99 -24.62 0.14
C VAL B 83 1.61 -25.26 0.00
N ASP B 84 0.55 -24.57 0.41
CA ASP B 84 -0.81 -25.07 0.24
C ASP B 84 -1.72 -23.91 -0.13
N ASP B 85 -2.87 -24.25 -0.71
CA ASP B 85 -3.83 -23.23 -1.13
C ASP B 85 -4.47 -22.51 0.05
N GLY B 86 -4.47 -23.12 1.23
CA GLY B 86 -5.04 -22.49 2.41
C GLY B 86 -4.29 -21.27 2.90
N GLN B 87 -3.09 -21.01 2.38
CA GLN B 87 -2.33 -19.84 2.78
C GLN B 87 -2.71 -18.59 1.99
N ILE B 88 -3.38 -18.75 0.85
CA ILE B 88 -3.71 -17.59 0.02
C ILE B 88 -4.67 -16.64 0.73
N PRO B 89 -5.79 -17.08 1.31
CA PRO B 89 -6.62 -16.12 2.08
C PRO B 89 -5.89 -15.53 3.27
N ALA B 90 -4.95 -16.26 3.86
CA ALA B 90 -4.19 -15.71 4.98
C ALA B 90 -3.21 -14.65 4.51
N ALA B 91 -2.54 -14.89 3.37
CA ALA B 91 -1.62 -13.89 2.82
C ALA B 91 -2.36 -12.62 2.45
N ALA B 92 -3.54 -12.76 1.82
CA ALA B 92 -4.32 -11.58 1.46
C ALA B 92 -4.77 -10.81 2.69
N ARG B 93 -5.06 -11.51 3.79
CA ARG B 93 -5.44 -10.82 5.02
C ARG B 93 -4.28 -10.03 5.61
N ILE B 94 -3.07 -10.60 5.55
CA ILE B 94 -1.89 -9.88 6.06
C ILE B 94 -1.65 -8.62 5.25
N MET B 95 -1.75 -8.72 3.93
CA MET B 95 -1.53 -7.55 3.08
C MET B 95 -2.57 -6.47 3.36
N CYS B 96 -3.82 -6.86 3.60
CA CYS B 96 -4.84 -5.88 3.98
C CYS B 96 -4.53 -5.27 5.34
N ASP B 97 -4.04 -6.08 6.28
CA ASP B 97 -3.74 -5.56 7.62
C ASP B 97 -2.57 -4.58 7.59
N THR B 98 -1.51 -4.91 6.86
CA THR B 98 -0.36 -4.02 6.80
C THR B 98 -0.70 -2.71 6.09
N ARG B 99 -1.52 -2.77 5.04
CA ARG B 99 -1.95 -1.55 4.38
C ARG B 99 -2.86 -0.72 5.28
N GLU B 100 -3.69 -1.38 6.10
CA GLU B 100 -4.48 -0.65 7.08
C GLU B 100 -3.60 -0.01 8.14
N LEU B 101 -2.57 -0.74 8.59
CA LEU B 101 -1.63 -0.18 9.56
C LEU B 101 -0.89 1.03 8.97
N SER B 102 -0.49 0.94 7.70
CA SER B 102 0.21 2.04 7.06
C SER B 102 -0.67 3.28 6.95
N SER B 103 -1.98 3.08 6.73
CA SER B 103 -2.90 4.23 6.69
C SER B 103 -2.93 4.95 8.03
N MET B 104 -2.93 4.20 9.14
CA MET B 104 -2.94 4.83 10.46
C MET B 104 -1.62 5.53 10.76
N VAL B 105 -0.51 4.98 10.28
CA VAL B 105 0.78 5.66 10.46
C VAL B 105 0.82 6.93 9.62
N VAL B 106 0.35 6.85 8.36
CA VAL B 106 0.34 8.03 7.49
C VAL B 106 -0.58 9.11 8.06
N GLU B 107 -1.71 8.70 8.63
CA GLU B 107 -2.63 9.67 9.22
C GLU B 107 -1.97 10.48 10.32
N GLU B 108 -1.10 9.85 11.10
CA GLU B 108 -0.38 10.57 12.15
C GLU B 108 0.64 11.54 11.55
N LEU B 109 1.29 11.13 10.46
CA LEU B 109 2.22 12.04 9.79
C LEU B 109 1.48 13.21 9.15
N LEU B 110 0.32 12.94 8.53
CA LEU B 110 -0.44 14.01 7.90
C LEU B 110 -0.95 15.01 8.93
N ALA B 111 -1.33 14.54 10.11
CA ALA B 111 -1.82 15.43 11.16
C ALA B 111 -0.74 16.36 11.68
N GLN B 112 0.53 16.00 11.52
CA GLN B 112 1.65 16.83 11.94
C GLN B 112 2.21 17.67 10.79
N GLY B 113 1.44 17.85 9.72
CA GLY B 113 1.90 18.63 8.60
C GLY B 113 2.99 17.99 7.79
N ILE B 114 3.09 16.67 7.81
CA ILE B 114 4.11 15.95 7.05
C ILE B 114 3.43 15.15 5.94
N PRO B 115 3.44 15.63 4.70
CA PRO B 115 2.82 14.87 3.61
C PRO B 115 3.54 13.55 3.38
N ALA B 116 2.76 12.48 3.27
CA ALA B 116 3.31 11.14 3.09
C ALA B 116 2.27 10.27 2.42
N VAL B 117 2.72 9.14 1.89
CA VAL B 117 1.84 8.20 1.21
C VAL B 117 2.38 6.79 1.41
N SER B 118 1.47 5.84 1.62
CA SER B 118 1.85 4.45 1.80
C SER B 118 2.30 3.85 0.47
N VAL B 119 3.41 3.14 0.48
CA VAL B 119 3.93 2.43 -0.70
C VAL B 119 4.11 0.98 -0.27
N ALA B 120 3.10 0.15 -0.52
CA ALA B 120 3.13 -1.24 -0.11
C ALA B 120 4.05 -2.04 -1.01
N PRO B 121 5.12 -2.65 -0.48
CA PRO B 121 6.01 -3.44 -1.35
C PRO B 121 5.33 -4.61 -2.02
N GLY B 122 4.34 -5.23 -1.35
CA GLY B 122 3.64 -6.35 -1.94
C GLY B 122 2.81 -5.98 -3.16
N SER B 123 2.42 -4.72 -3.30
CA SER B 123 1.67 -4.26 -4.45
C SER B 123 2.56 -3.59 -5.49
N CYS B 124 3.83 -3.34 -5.18
CA CYS B 124 4.72 -2.62 -6.08
C CYS B 124 5.91 -3.43 -6.55
N PHE B 125 6.42 -4.36 -5.75
CA PHE B 125 7.68 -5.03 -6.05
C PHE B 125 7.51 -6.54 -5.96
N VAL B 126 8.60 -7.25 -6.22
CA VAL B 126 8.68 -8.70 -6.08
C VAL B 126 9.92 -9.03 -5.27
N MET B 127 10.00 -10.28 -4.82
CA MET B 127 11.17 -10.76 -4.10
C MET B 127 11.78 -11.96 -4.81
N GLU B 128 13.04 -12.21 -4.48
CA GLU B 128 13.81 -13.26 -5.14
C GLU B 128 14.96 -13.65 -4.21
N ASP B 129 14.89 -14.85 -3.65
CA ASP B 129 15.93 -15.39 -2.78
C ASP B 129 16.18 -14.48 -1.57
N GLY B 130 15.09 -14.06 -0.93
CA GLY B 130 15.18 -13.23 0.25
C GLY B 130 15.55 -11.77 0.00
N LYS B 131 15.61 -11.34 -1.25
CA LYS B 131 15.94 -9.96 -1.59
C LYS B 131 14.72 -9.29 -2.20
N LEU B 132 14.49 -8.03 -1.82
CA LEU B 132 13.41 -7.24 -2.41
C LEU B 132 13.91 -6.61 -3.71
N ILE B 133 13.22 -6.92 -4.81
CA ILE B 133 13.62 -6.46 -6.13
C ILE B 133 12.84 -5.20 -6.47
N VAL B 134 13.56 -4.10 -6.67
CA VAL B 134 12.97 -2.83 -7.06
C VAL B 134 13.53 -2.48 -8.43
N ASP B 135 12.78 -2.82 -9.48
CA ASP B 135 13.22 -2.56 -10.85
C ASP B 135 12.83 -1.17 -11.34
N ASN B 136 11.76 -0.59 -10.80
CA ASN B 136 11.28 0.72 -11.22
C ASN B 136 11.27 1.65 -10.01
N GLU B 137 12.23 2.57 -9.96
CA GLU B 137 12.35 3.51 -8.86
C GLU B 137 11.65 4.84 -9.13
N GLU B 138 11.05 5.01 -10.31
CA GLU B 138 10.50 6.31 -10.68
C GLU B 138 9.37 6.76 -9.77
N PRO B 139 8.36 5.95 -9.44
CA PRO B 139 7.29 6.46 -8.57
C PRO B 139 7.77 6.92 -7.20
N ILE B 140 8.64 6.14 -6.55
CA ILE B 140 9.13 6.53 -5.24
C ILE B 140 9.95 7.81 -5.33
N ARG B 141 10.82 7.90 -6.34
CA ARG B 141 11.64 9.10 -6.50
C ARG B 141 10.80 10.32 -6.86
N ARG B 142 9.77 10.14 -7.69
CA ARG B 142 8.91 11.25 -8.05
C ARG B 142 8.07 11.70 -6.86
N LEU B 143 7.64 10.76 -6.02
CA LEU B 143 6.88 11.13 -4.83
C LEU B 143 7.74 11.93 -3.86
N ALA B 144 8.99 11.50 -3.65
CA ALA B 144 9.88 12.24 -2.76
C ALA B 144 10.19 13.63 -3.30
N ASP B 145 10.32 13.76 -4.63
CA ASP B 145 10.59 15.06 -5.22
C ASP B 145 9.40 16.00 -5.07
N LEU B 146 8.18 15.47 -5.05
CA LEU B 146 7.00 16.30 -4.88
C LEU B 146 6.82 16.80 -3.44
N GLY B 147 7.56 16.23 -2.49
CA GLY B 147 7.34 16.53 -1.09
C GLY B 147 6.44 15.56 -0.37
N ILE B 148 6.02 14.48 -1.02
CA ILE B 148 5.18 13.46 -0.40
C ILE B 148 6.07 12.27 -0.08
N MET B 149 6.36 12.10 1.21
CA MET B 149 7.28 11.06 1.65
C MET B 149 6.72 9.68 1.32
N PRO B 150 7.43 8.85 0.54
CA PRO B 150 6.97 7.49 0.28
C PRO B 150 7.28 6.59 1.47
N VAL B 151 6.25 5.96 2.00
CA VAL B 151 6.37 5.15 3.22
C VAL B 151 6.23 3.68 2.84
N MET B 152 7.34 2.96 2.84
CA MET B 152 7.34 1.53 2.69
C MET B 152 7.21 0.86 4.06
N PHE B 153 6.86 -0.42 4.05
CA PHE B 153 6.64 -1.13 5.31
C PHE B 153 6.72 -2.64 5.07
N GLY B 154 6.84 -3.36 6.18
CA GLY B 154 6.84 -4.82 6.10
C GLY B 154 5.54 -5.33 5.50
N ASP B 155 5.65 -6.31 4.62
CA ASP B 155 4.53 -6.73 3.81
C ASP B 155 4.77 -8.15 3.32
N VAL B 156 3.71 -8.75 2.78
CA VAL B 156 3.83 -10.00 2.03
C VAL B 156 3.98 -9.64 0.55
N VAL B 157 5.04 -10.14 -0.07
CA VAL B 157 5.42 -9.72 -1.41
C VAL B 157 5.44 -10.94 -2.33
N PRO B 158 4.98 -10.81 -3.58
CA PRO B 158 5.11 -11.92 -4.53
C PRO B 158 6.56 -12.33 -4.69
N ASP B 159 6.81 -13.64 -4.68
CA ASP B 159 8.14 -14.20 -4.80
C ASP B 159 8.25 -14.98 -6.10
N ARG B 160 9.38 -14.80 -6.79
CA ARG B 160 9.57 -15.40 -8.10
C ARG B 160 9.68 -16.93 -8.04
N LYS B 161 9.98 -17.48 -6.86
CA LYS B 161 10.20 -18.92 -6.73
C LYS B 161 9.37 -19.51 -5.60
N LYS B 162 9.10 -18.73 -4.56
CA LYS B 162 8.31 -19.22 -3.43
C LYS B 162 6.84 -18.82 -3.50
N GLY B 163 6.41 -18.19 -4.59
CA GLY B 163 5.04 -17.70 -4.68
C GLY B 163 4.88 -16.36 -4.00
N PHE B 164 4.96 -16.37 -2.67
CA PHE B 164 4.98 -15.14 -1.89
C PHE B 164 6.09 -15.24 -0.85
N ALA B 165 6.54 -14.07 -0.39
CA ALA B 165 7.57 -14.00 0.64
C ALA B 165 7.31 -12.79 1.51
N ILE B 166 7.97 -12.78 2.67
CA ILE B 166 7.83 -11.69 3.63
C ILE B 166 9.03 -10.75 3.48
N VAL B 167 8.76 -9.47 3.31
CA VAL B 167 9.79 -8.43 3.35
C VAL B 167 9.66 -7.69 4.67
N SER B 168 10.80 -7.43 5.30
CA SER B 168 10.83 -6.78 6.60
C SER B 168 11.13 -5.29 6.45
N GLY B 169 10.90 -4.56 7.53
CA GLY B 169 11.23 -3.14 7.53
C GLY B 169 12.70 -2.87 7.30
N ASP B 170 13.56 -3.75 7.83
CA ASP B 170 15.00 -3.62 7.61
C ASP B 170 15.33 -3.71 6.13
N GLN B 171 14.70 -4.65 5.42
CA GLN B 171 14.93 -4.76 3.98
C GLN B 171 14.44 -3.53 3.23
N CYS B 172 13.32 -2.96 3.69
CA CYS B 172 12.87 -1.69 3.11
C CYS B 172 13.84 -0.56 3.42
N MET B 173 14.52 -0.62 4.57
CA MET B 173 15.55 0.38 4.88
C MET B 173 16.75 0.21 3.96
N GLU B 174 17.15 -1.03 3.68
CA GLU B 174 18.30 -1.25 2.80
C GLU B 174 18.05 -0.70 1.41
N VAL B 175 16.83 -0.83 0.90
CA VAL B 175 16.51 -0.37 -0.44
C VAL B 175 16.57 1.16 -0.51
N LEU B 176 15.88 1.83 0.41
CA LEU B 176 15.86 3.29 0.41
C LEU B 176 17.21 3.89 0.80
N CYS B 177 18.04 3.15 1.52
CA CYS B 177 19.36 3.66 1.88
C CYS B 177 20.23 3.84 0.64
N ARG B 178 20.35 2.80 -0.17
CA ARG B 178 21.15 2.90 -1.39
C ARG B 178 20.48 3.76 -2.45
N MET B 179 19.16 3.99 -2.34
CA MET B 179 18.46 4.79 -3.34
C MET B 179 18.69 6.28 -3.13
N PHE B 180 18.65 6.74 -1.88
CA PHE B 180 18.71 8.16 -1.59
C PHE B 180 19.98 8.59 -0.87
N ASP B 181 20.81 7.64 -0.39
CA ASP B 181 22.04 7.92 0.30
C ASP B 181 21.81 8.89 1.46
N PRO B 182 21.15 8.45 2.53
CA PRO B 182 20.85 9.37 3.63
C PRO B 182 22.10 9.74 4.41
N GLU B 183 21.94 10.77 5.26
CA GLU B 183 23.02 11.23 6.13
C GLU B 183 23.06 10.47 7.44
N LYS B 184 21.90 9.99 7.92
CA LYS B 184 21.83 9.29 9.19
C LYS B 184 20.68 8.29 9.13
N VAL B 185 20.86 7.17 9.82
CA VAL B 185 19.86 6.11 9.90
C VAL B 185 19.50 5.89 11.36
N VAL B 186 18.21 5.75 11.64
CA VAL B 186 17.70 5.60 12.99
C VAL B 186 16.72 4.44 13.03
N PHE B 187 16.94 3.50 13.96
CA PHE B 187 16.02 2.41 14.23
C PHE B 187 15.29 2.69 15.52
N VAL B 188 13.96 2.56 15.51
CA VAL B 188 13.12 2.84 16.67
C VAL B 188 12.52 1.53 17.16
N SER B 189 12.69 1.25 18.44
CA SER B 189 12.19 0.02 19.05
C SER B 189 11.76 0.31 20.48
N ASP B 190 11.41 -0.75 21.23
CA ASP B 190 10.99 -0.62 22.62
C ASP B 190 12.14 -0.84 23.61
N ILE B 191 13.30 -1.24 23.12
CA ILE B 191 14.53 -1.32 23.89
C ILE B 191 15.22 0.03 23.94
N ASP B 192 16.04 0.22 24.98
CA ASP B 192 16.96 1.35 25.04
C ASP B 192 18.08 1.22 24.03
N GLY B 193 18.38 0.01 23.56
CA GLY B 193 19.46 -0.20 22.61
C GLY B 193 19.76 -1.67 22.49
N LEU B 194 20.81 -1.97 21.74
CA LEU B 194 21.23 -3.35 21.54
C LEU B 194 21.91 -3.88 22.79
N TYR B 195 21.53 -5.09 23.20
CA TYR B 195 22.08 -5.74 24.37
C TYR B 195 22.87 -6.99 23.96
N THR B 196 23.56 -7.58 24.95
CA THR B 196 24.26 -8.83 24.72
C THR B 196 23.32 -10.03 24.73
N ALA B 197 22.10 -9.86 25.24
CA ALA B 197 21.10 -10.92 25.25
C ALA B 197 19.73 -10.26 25.36
N ASP B 198 18.69 -11.08 25.31
CA ASP B 198 17.32 -10.57 25.43
C ASP B 198 17.11 -9.98 26.81
N PRO B 199 16.88 -8.67 26.93
CA PRO B 199 16.69 -8.07 28.27
C PRO B 199 15.38 -8.44 28.92
N LYS B 200 14.35 -8.78 28.14
N LYS B 200 14.35 -8.78 28.14
CA LYS B 200 13.07 -9.16 28.71
CA LYS B 200 13.07 -9.16 28.71
C LYS B 200 13.15 -10.50 29.43
C LYS B 200 13.12 -10.52 29.38
N THR B 201 14.09 -11.36 29.03
CA THR B 201 14.25 -12.67 29.63
C THR B 201 15.53 -12.83 30.44
N ASP B 202 16.60 -12.13 30.08
CA ASP B 202 17.89 -12.21 30.76
C ASP B 202 18.13 -10.91 31.51
N LYS B 203 18.24 -11.01 32.83
CA LYS B 203 18.55 -9.83 33.65
C LYS B 203 20.03 -9.47 33.63
N LYS B 204 20.89 -10.39 33.18
CA LYS B 204 22.31 -10.13 33.05
C LYS B 204 22.67 -9.53 31.70
N ALA B 205 21.67 -9.21 30.87
CA ALA B 205 21.95 -8.61 29.56
C ALA B 205 22.68 -7.29 29.73
N ARG B 206 23.59 -7.01 28.80
CA ARG B 206 24.49 -5.86 28.89
C ARG B 206 24.33 -5.02 27.63
N LEU B 207 24.02 -3.74 27.81
CA LEU B 207 23.83 -2.86 26.66
C LEU B 207 25.14 -2.63 25.93
N ILE B 208 25.07 -2.65 24.60
CA ILE B 208 26.22 -2.43 23.74
C ILE B 208 26.03 -1.05 23.12
N GLY B 209 26.74 -0.05 23.67
CA GLY B 209 26.56 1.31 23.21
C GLY B 209 27.16 1.58 21.84
N GLU B 210 28.24 0.88 21.50
CA GLU B 210 28.92 1.07 20.22
C GLU B 210 29.03 -0.26 19.50
N VAL B 211 28.78 -0.22 18.19
CA VAL B 211 28.85 -1.42 17.34
C VAL B 211 29.77 -1.12 16.17
N THR B 212 30.85 -1.89 16.06
CA THR B 212 31.78 -1.76 14.95
C THR B 212 31.94 -3.10 14.25
N ARG B 213 32.85 -3.17 13.28
CA ARG B 213 33.07 -4.38 12.49
C ARG B 213 34.22 -5.21 13.05
N LYS B 214 35.09 -4.60 13.86
CA LYS B 214 35.81 -5.38 14.87
C LYS B 214 34.84 -6.09 15.80
N LYS B 215 33.83 -5.35 16.28
CA LYS B 215 32.90 -5.92 17.25
C LYS B 215 31.97 -6.95 16.61
N LEU B 216 31.63 -6.75 15.33
CA LEU B 216 30.75 -7.70 14.66
C LEU B 216 31.44 -9.04 14.44
N ASP B 217 32.71 -9.02 14.06
CA ASP B 217 33.45 -10.27 13.88
C ASP B 217 33.64 -11.00 15.19
N GLU B 218 33.79 -10.27 16.30
CA GLU B 218 33.87 -10.92 17.61
C GLU B 218 32.54 -11.52 18.03
N ALA B 219 31.43 -10.97 17.53
CA ALA B 219 30.12 -11.48 17.89
C ALA B 219 29.88 -12.90 17.37
N LEU B 220 30.70 -13.36 16.41
CA LEU B 220 30.58 -14.73 15.92
C LEU B 220 31.07 -15.75 16.95
N THR B 221 31.86 -15.33 17.92
CA THR B 221 32.34 -16.24 18.95
C THR B 221 31.24 -16.48 19.98
N ASP B 222 30.99 -17.76 20.27
CA ASP B 222 29.95 -18.18 21.23
C ASP B 222 30.54 -19.35 22.04
N ILE B 223 31.37 -19.00 23.03
CA ILE B 223 32.13 -20.01 23.77
C ILE B 223 31.20 -20.97 24.50
N THR B 224 30.12 -20.44 25.08
CA THR B 224 29.18 -21.25 25.84
C THR B 224 28.01 -21.75 24.98
N VAL B 225 28.01 -21.44 23.69
CA VAL B 225 26.92 -21.81 22.77
C VAL B 225 25.60 -21.35 23.38
N ALA B 226 25.50 -20.07 23.68
CA ALA B 226 24.30 -19.48 24.26
C ALA B 226 23.53 -18.61 23.27
N ASP B 227 23.97 -18.54 22.02
CA ASP B 227 23.34 -17.75 20.97
C ASP B 227 23.61 -18.45 19.64
N VAL B 228 22.99 -19.63 19.48
CA VAL B 228 23.26 -20.45 18.30
C VAL B 228 22.63 -19.87 17.04
N THR B 229 21.61 -19.04 17.17
CA THR B 229 20.98 -18.40 16.03
C THR B 229 21.69 -17.11 15.62
N GLY B 230 22.70 -16.69 16.37
CA GLY B 230 23.41 -15.46 16.03
C GLY B 230 22.55 -14.22 16.12
N GLY B 231 21.75 -14.10 17.19
CA GLY B 231 20.85 -12.97 17.30
C GLY B 231 21.57 -11.65 17.45
N VAL B 232 22.64 -11.62 18.25
CA VAL B 232 23.40 -10.38 18.43
C VAL B 232 24.17 -10.05 17.16
N HIS B 233 24.75 -11.06 16.51
CA HIS B 233 25.50 -10.82 15.28
C HIS B 233 24.59 -10.33 14.16
N SER B 234 23.38 -10.89 14.06
CA SER B 234 22.46 -10.45 13.02
C SER B 234 21.96 -9.03 13.27
N LYS B 235 21.67 -8.70 14.52
CA LYS B 235 21.23 -7.34 14.83
C LYS B 235 22.36 -6.33 14.60
N MET B 236 23.59 -6.71 14.93
CA MET B 236 24.74 -5.85 14.65
C MET B 236 24.90 -5.64 13.14
N GLU B 237 24.79 -6.71 12.36
CA GLU B 237 24.94 -6.59 10.91
C GLU B 237 23.84 -5.72 10.32
N ALA B 238 22.61 -5.85 10.83
CA ALA B 238 21.51 -5.03 10.31
C ALA B 238 21.76 -3.54 10.55
N MET B 239 22.50 -3.19 11.59
CA MET B 239 22.84 -1.80 11.84
C MET B 239 24.04 -1.35 11.01
N LEU B 240 25.09 -2.17 10.97
CA LEU B 240 26.30 -1.79 10.25
C LEU B 240 26.06 -1.67 8.76
N ARG B 241 25.08 -2.40 8.21
CA ARG B 241 24.78 -2.29 6.79
C ARG B 241 24.18 -0.94 6.43
N MET B 242 23.69 -0.19 7.40
CA MET B 242 23.19 1.16 7.18
C MET B 242 24.28 2.22 7.31
N THR B 243 25.52 1.81 7.51
CA THR B 243 26.63 2.74 7.72
C THR B 243 27.68 2.57 6.63
N ASP B 244 28.55 3.57 6.54
CA ASP B 244 29.72 3.50 5.67
C ASP B 244 30.87 4.27 6.32
N ARG B 245 31.64 4.99 5.51
CA ARG B 245 32.70 5.83 6.06
C ARG B 245 32.18 7.14 6.64
N ASN B 246 30.90 7.45 6.45
CA ASN B 246 30.34 8.72 6.91
C ASN B 246 29.08 8.52 7.74
N ARG B 247 28.16 7.69 7.24
CA ARG B 247 26.85 7.53 7.85
C ARG B 247 26.93 6.69 9.11
N ARG B 248 26.12 7.05 10.11
CA ARG B 248 26.02 6.31 11.35
CA ARG B 248 26.01 6.33 11.37
C ARG B 248 24.57 5.87 11.57
N CYS B 249 24.42 4.69 12.16
CA CYS B 249 23.10 4.11 12.42
C CYS B 249 22.85 4.06 13.92
N TYR B 250 21.66 4.47 14.34
CA TYR B 250 21.30 4.58 15.74
C TYR B 250 20.10 3.68 16.05
N LEU B 251 20.10 3.10 17.25
CA LEU B 251 18.99 2.29 17.75
C LEU B 251 18.49 2.95 19.03
N VAL B 252 17.28 3.51 18.98
CA VAL B 252 16.77 4.36 20.03
C VAL B 252 15.43 3.79 20.53
N ASN B 253 15.09 4.17 21.76
CA ASN B 253 13.84 3.74 22.39
C ASN B 253 12.74 4.74 22.05
N GLY B 254 11.77 4.30 21.24
CA GLY B 254 10.64 5.15 20.92
C GLY B 254 9.63 5.29 22.03
N ASN B 255 9.65 4.40 23.01
CA ASN B 255 8.77 4.51 24.16
C ASN B 255 9.27 5.50 25.19
N ALA B 256 10.51 5.98 25.05
CA ALA B 256 11.02 7.05 25.92
C ALA B 256 10.66 8.40 25.31
N PRO B 257 9.82 9.21 25.97
CA PRO B 257 9.40 10.47 25.36
C PRO B 257 10.57 11.40 25.11
N ASN B 258 10.54 12.04 23.93
CA ASN B 258 11.49 13.05 23.46
C ASN B 258 12.88 12.49 23.19
N ARG B 259 13.09 11.18 23.33
CA ARG B 259 14.41 10.63 23.03
C ARG B 259 14.69 10.64 21.53
N LEU B 260 13.70 10.26 20.73
CA LEU B 260 13.85 10.34 19.27
C LEU B 260 13.99 11.80 18.83
N TYR B 261 13.24 12.70 19.44
CA TYR B 261 13.33 14.11 19.11
C TYR B 261 14.73 14.65 19.38
N SER B 262 15.30 14.31 20.53
CA SER B 262 16.65 14.79 20.84
C SER B 262 17.69 14.16 19.93
N LEU B 263 17.52 12.88 19.60
CA LEU B 263 18.47 12.22 18.70
C LEU B 263 18.45 12.84 17.31
N LEU B 264 17.26 13.19 16.81
CA LEU B 264 17.17 13.86 15.53
C LEU B 264 17.72 15.28 15.58
N LYS B 265 17.74 15.90 16.75
CA LYS B 265 18.31 17.23 16.93
C LYS B 265 19.83 17.22 17.01
N GLY B 266 20.45 16.04 17.04
CA GLY B 266 21.89 15.93 17.17
C GLY B 266 22.41 15.76 18.57
N GLU B 267 21.54 15.78 19.58
CA GLU B 267 21.96 15.62 20.95
C GLU B 267 22.32 14.16 21.23
N THR B 268 22.94 13.95 22.39
CA THR B 268 23.37 12.62 22.81
C THR B 268 22.30 12.03 23.73
N VAL B 269 21.80 10.85 23.38
CA VAL B 269 20.80 10.15 24.17
C VAL B 269 21.26 8.70 24.36
N THR B 270 20.60 8.01 25.28
CA THR B 270 20.86 6.59 25.48
C THR B 270 20.44 5.82 24.24
N CYS B 271 21.41 5.15 23.61
CA CYS B 271 21.15 4.47 22.35
C CYS B 271 22.34 3.56 22.02
N THR B 272 22.18 2.77 20.96
CA THR B 272 23.25 1.99 20.37
C THR B 272 23.64 2.64 19.05
N VAL B 273 24.94 2.84 18.84
CA VAL B 273 25.47 3.57 17.69
C VAL B 273 26.29 2.61 16.85
N ALA B 274 26.09 2.65 15.54
CA ALA B 274 26.85 1.84 14.59
C ALA B 274 27.60 2.76 13.63
N LYS B 275 28.85 2.43 13.35
CA LYS B 275 29.69 3.26 12.50
C LYS B 275 30.77 2.41 11.87
N GLY B 276 31.42 2.98 10.85
CA GLY B 276 32.55 2.33 10.22
C GLY B 276 32.23 1.64 8.91
N GLY B 277 31.17 0.85 8.90
CA GLY B 277 30.79 0.09 7.73
C GLY B 277 31.18 -1.36 7.84
N MET B 278 30.95 -2.08 6.75
CA MET B 278 31.23 -3.51 6.70
C MET B 278 32.69 -3.79 6.33
#